data_7D2Z
#
_entry.id   7D2Z
#
_cell.length_a   92.393
_cell.length_b   92.393
_cell.length_c   101.145
_cell.angle_alpha   90.000
_cell.angle_beta   90.000
_cell.angle_gamma   120.000
#
_symmetry.space_group_name_H-M   'P 31 2 1'
#
loop_
_entity.id
_entity.type
_entity.pdbx_description
1 polymer 'SR31 against SARS-CoV-2 RBD, non neutralizing'
2 polymer 'Spike protein S1'
3 branched alpha-D-mannopyranose-(1-3)-[alpha-D-mannopyranose-(1-6)]beta-D-mannopyranose-(1-4)-2-acetamido-2-deoxy-beta-D-glucopyranose-(1-4)-[alpha-L-fucopyranose-(1-3)][alpha-L-fucopyranose-(1-6)]2-acetamido-2-deoxy-beta-D-glucopyranose
4 non-polymer 'FORMIC ACID'
5 non-polymer GLYCEROL
6 non-polymer 'ACETATE ION'
7 water water
#
loop_
_entity_poly.entity_id
_entity_poly.type
_entity_poly.pdbx_seq_one_letter_code
_entity_poly.pdbx_strand_id
1 'polypeptide(L)'
;GSSSQVQLVESGGGLVQAGGSLRLSCAASGFPVWQGEMAWYRQAPGKEREWVAAISSMGYKTYYADSVKGRFTISRDNAK
NTVYLQMNSLKPEDTAVYYCAVMVGFWYAGQGTQVTVSAGRAGEQKLISEEDLNSAVDHHHHHH
;
A
2 'polypeptide(L)'
;AGSPNITNLCPFGEVFNATRFASVYAWNRKRISNCVADYSVLYNSASFSTFKCYGVSPTKLNDLCFTNVYADSFVIRGDE
VRQIAPGQTGKIADYNYKLPDDFTGCVIAWNSNNLDSKVGGNYNYLYRLFRKSNLKPFERDISTEIYQAGSTPCNGVEGF
NCYFPLQSYGFQPTNGVGYQPYRVVVLSFELLHAPATVCGPKKSTGTLEVLFQ
;
B
#
loop_
_chem_comp.id
_chem_comp.type
_chem_comp.name
_chem_comp.formula
ACT non-polymer 'ACETATE ION' 'C2 H3 O2 -1'
BMA D-saccharide, beta linking beta-D-mannopyranose 'C6 H12 O6'
FMT non-polymer 'FORMIC ACID' 'C H2 O2'
FUC L-saccharide, alpha linking alpha-L-fucopyranose 'C6 H12 O5'
GOL non-polymer GLYCEROL 'C3 H8 O3'
MAN D-saccharide, alpha linking alpha-D-mannopyranose 'C6 H12 O6'
NAG D-saccharide, beta linking 2-acetamido-2-deoxy-beta-D-glucopyranose 'C8 H15 N O6'
#
# COMPACT_ATOMS: atom_id res chain seq x y z
N SER A 2 -4.13 3.05 -18.40
CA SER A 2 -4.68 2.05 -17.48
C SER A 2 -3.69 1.74 -16.34
N SER A 3 -3.91 0.63 -15.62
CA SER A 3 -3.21 0.40 -14.37
C SER A 3 -1.89 -0.33 -14.56
N SER A 4 -1.04 -0.22 -13.53
CA SER A 4 0.20 -0.97 -13.43
C SER A 4 0.28 -1.57 -12.03
N GLN A 5 0.42 -2.88 -11.94
CA GLN A 5 0.58 -3.48 -10.62
C GLN A 5 1.93 -3.09 -10.04
N VAL A 6 1.95 -2.82 -8.74
CA VAL A 6 3.18 -2.50 -8.04
C VAL A 6 3.63 -3.78 -7.35
N GLN A 7 4.80 -4.29 -7.74
CA GLN A 7 5.26 -5.56 -7.20
C GLN A 7 6.78 -5.66 -7.24
N LEU A 8 7.34 -6.37 -6.25
CA LEU A 8 8.74 -6.73 -6.18
C LEU A 8 8.83 -8.25 -6.02
N VAL A 9 9.60 -8.91 -6.89
CA VAL A 9 9.70 -10.37 -6.90
C VAL A 9 11.17 -10.76 -6.77
N GLU A 10 11.54 -11.28 -5.60
CA GLU A 10 12.90 -11.76 -5.36
C GLU A 10 13.08 -13.17 -5.93
N SER A 11 14.34 -13.50 -6.21
CA SER A 11 14.68 -14.79 -6.79
C SER A 11 16.19 -14.98 -6.62
N GLY A 12 16.63 -16.22 -6.84
CA GLY A 12 18.05 -16.55 -6.75
C GLY A 12 18.49 -17.15 -5.45
N GLY A 13 17.61 -17.25 -4.46
CA GLY A 13 17.97 -17.94 -3.24
C GLY A 13 18.18 -19.42 -3.47
N GLY A 14 18.71 -20.09 -2.45
CA GLY A 14 18.98 -21.51 -2.55
C GLY A 14 19.84 -21.99 -1.40
N LEU A 15 20.37 -23.20 -1.57
CA LEU A 15 21.21 -23.85 -0.57
C LEU A 15 22.67 -23.83 -1.04
N VAL A 16 23.55 -23.30 -0.20
CA VAL A 16 24.98 -23.20 -0.51
C VAL A 16 25.77 -23.52 0.74
N GLN A 17 26.92 -24.16 0.56
CA GLN A 17 27.77 -24.44 1.72
C GLN A 17 28.65 -23.24 2.02
N ALA A 18 29.05 -23.13 3.29
CA ALA A 18 29.70 -21.91 3.78
C ALA A 18 30.91 -21.55 2.94
N GLY A 19 31.14 -20.24 2.77
CA GLY A 19 32.16 -19.73 1.89
C GLY A 19 31.73 -19.57 0.45
N GLY A 20 30.54 -20.04 0.09
CA GLY A 20 30.06 -19.91 -1.26
C GLY A 20 29.44 -18.55 -1.55
N SER A 21 28.94 -18.41 -2.78
CA SER A 21 28.41 -17.16 -3.29
C SER A 21 27.01 -17.38 -3.85
N LEU A 22 26.22 -16.29 -3.89
CA LEU A 22 24.89 -16.24 -4.49
C LEU A 22 24.60 -14.81 -4.93
N ARG A 23 23.87 -14.67 -6.03
CA ARG A 23 23.40 -13.36 -6.51
CA ARG A 23 23.39 -13.37 -6.50
C ARG A 23 21.87 -13.39 -6.50
N LEU A 24 21.27 -12.56 -5.65
CA LEU A 24 19.82 -12.45 -5.61
C LEU A 24 19.37 -11.38 -6.59
N SER A 25 18.19 -11.60 -7.16
CA SER A 25 17.57 -10.65 -8.07
C SER A 25 16.24 -10.19 -7.48
N CYS A 26 15.83 -9.00 -7.91
CA CYS A 26 14.58 -8.39 -7.46
C CYS A 26 13.99 -7.67 -8.66
N ALA A 27 13.03 -8.32 -9.31
CA ALA A 27 12.35 -7.74 -10.47
C ALA A 27 11.24 -6.82 -9.96
N ALA A 28 11.34 -5.53 -10.28
CA ALA A 28 10.34 -4.56 -9.84
C ALA A 28 9.33 -4.29 -10.94
N SER A 29 8.09 -4.04 -10.53
CA SER A 29 7.03 -3.66 -11.45
CA SER A 29 7.02 -3.67 -11.44
C SER A 29 6.29 -2.45 -10.89
N GLY A 30 5.88 -1.54 -11.80
CA GLY A 30 5.05 -0.41 -11.43
C GLY A 30 5.78 0.87 -11.06
N PHE A 31 7.11 0.85 -11.01
CA PHE A 31 7.88 2.04 -10.71
C PHE A 31 9.27 1.85 -11.30
N PRO A 32 9.96 2.93 -11.69
CA PRO A 32 11.36 2.78 -12.13
C PRO A 32 12.29 2.70 -10.93
N VAL A 33 13.11 1.64 -10.87
CA VAL A 33 13.97 1.43 -9.71
C VAL A 33 14.95 2.59 -9.50
N TRP A 34 15.29 3.33 -10.56
CA TRP A 34 16.16 4.51 -10.38
C TRP A 34 15.51 5.55 -9.47
N GLN A 35 14.19 5.66 -9.52
CA GLN A 35 13.47 6.74 -8.86
C GLN A 35 13.23 6.50 -7.37
N GLY A 36 13.65 5.36 -6.84
CA GLY A 36 13.36 5.03 -5.47
C GLY A 36 14.62 4.61 -4.74
N GLU A 37 14.62 4.89 -3.43
CA GLU A 37 15.59 4.23 -2.57
C GLU A 37 15.21 2.77 -2.48
N MET A 38 16.15 1.89 -2.79
CA MET A 38 15.92 0.44 -2.80
CA MET A 38 15.85 0.47 -2.73
C MET A 38 16.81 -0.21 -1.76
N ALA A 39 16.36 -1.33 -1.21
CA ALA A 39 17.14 -1.94 -0.15
C ALA A 39 16.83 -3.41 -0.06
N TRP A 40 17.75 -4.14 0.55
CA TRP A 40 17.54 -5.53 0.90
C TRP A 40 17.49 -5.65 2.41
N TYR A 41 16.55 -6.44 2.92
CA TYR A 41 16.59 -6.86 4.31
C TYR A 41 16.38 -8.37 4.37
N ARG A 42 16.68 -8.95 5.52
CA ARG A 42 16.52 -10.38 5.70
C ARG A 42 15.78 -10.66 7.00
N GLN A 43 15.04 -11.77 6.97
CA GLN A 43 14.16 -12.20 8.06
C GLN A 43 14.70 -13.54 8.55
N ALA A 44 15.40 -13.51 9.69
CA ALA A 44 15.94 -14.72 10.29
C ALA A 44 14.87 -15.42 11.13
N PRO A 45 14.91 -16.76 11.18
CA PRO A 45 13.85 -17.50 11.90
C PRO A 45 13.53 -16.95 13.28
N GLY A 46 14.53 -16.83 14.15
CA GLY A 46 14.29 -16.26 15.46
C GLY A 46 14.13 -14.74 15.45
N LYS A 47 15.01 -14.06 14.72
CA LYS A 47 15.24 -12.63 14.91
C LYS A 47 14.19 -11.78 14.17
N GLU A 48 14.23 -10.48 14.47
CA GLU A 48 13.44 -9.49 13.77
C GLU A 48 14.15 -9.06 12.49
N ARG A 49 13.51 -8.14 11.78
CA ARG A 49 14.00 -7.70 10.48
C ARG A 49 15.38 -7.08 10.59
N GLU A 50 16.26 -7.43 9.65
CA GLU A 50 17.63 -6.90 9.61
C GLU A 50 17.93 -6.31 8.23
N TRP A 51 18.11 -4.99 8.16
CA TRP A 51 18.49 -4.35 6.91
C TRP A 51 19.95 -4.66 6.58
N VAL A 52 20.24 -5.08 5.35
CA VAL A 52 21.59 -5.49 4.96
C VAL A 52 22.22 -4.55 3.93
N ALA A 53 21.45 -4.02 2.97
CA ALA A 53 22.06 -3.14 1.96
C ALA A 53 21.01 -2.21 1.38
N ALA A 54 21.44 -1.04 0.91
CA ALA A 54 20.53 -0.06 0.32
C ALA A 54 21.28 0.76 -0.72
N ILE A 55 20.53 1.31 -1.67
CA ILE A 55 21.10 2.21 -2.67
C ILE A 55 20.20 3.44 -2.81
N SER A 56 20.84 4.58 -3.13
CA SER A 56 20.16 5.86 -3.13
C SER A 56 19.13 5.96 -4.26
N SER A 57 18.12 6.79 -4.01
CA SER A 57 17.29 7.37 -5.05
C SER A 57 18.09 8.30 -5.95
N MET A 58 17.96 8.12 -7.26
CA MET A 58 18.49 9.08 -8.23
C MET A 58 20.02 9.18 -8.16
N GLY A 59 20.68 8.11 -7.76
CA GLY A 59 22.11 8.20 -7.48
C GLY A 59 22.67 6.83 -7.16
N TYR A 60 23.96 6.81 -6.83
CA TYR A 60 24.69 5.56 -6.77
C TYR A 60 25.27 5.25 -5.39
N LYS A 61 24.97 6.05 -4.37
CA LYS A 61 25.56 5.82 -3.06
C LYS A 61 24.94 4.58 -2.44
N THR A 62 25.78 3.68 -1.93
CA THR A 62 25.34 2.44 -1.34
C THR A 62 25.64 2.43 0.15
N TYR A 63 24.87 1.64 0.90
CA TYR A 63 25.01 1.47 2.34
C TYR A 63 24.92 -0.01 2.67
N TYR A 64 25.63 -0.42 3.73
CA TYR A 64 25.64 -1.83 4.12
C TYR A 64 25.66 -1.97 5.63
N ALA A 65 25.00 -3.03 6.10
CA ALA A 65 25.12 -3.43 7.50
C ALA A 65 26.57 -3.84 7.78
N ASP A 66 27.06 -3.50 8.97
CA ASP A 66 28.41 -3.88 9.37
C ASP A 66 28.64 -5.38 9.13
N SER A 67 27.62 -6.19 9.39
CA SER A 67 27.71 -7.65 9.32
C SER A 67 27.95 -8.19 7.91
N VAL A 68 27.79 -7.37 6.88
CA VAL A 68 27.95 -7.83 5.49
C VAL A 68 28.93 -6.99 4.71
N LYS A 69 29.54 -5.96 5.31
CA LYS A 69 30.50 -5.14 4.60
C LYS A 69 31.64 -5.99 4.06
N GLY A 70 32.08 -5.69 2.83
CA GLY A 70 33.07 -6.49 2.13
C GLY A 70 32.55 -7.75 1.47
N ARG A 71 31.39 -8.25 1.89
CA ARG A 71 30.85 -9.49 1.37
C ARG A 71 29.69 -9.29 0.39
N PHE A 72 28.80 -8.34 0.67
CA PHE A 72 27.61 -8.14 -0.15
C PHE A 72 27.75 -6.86 -0.96
N THR A 73 27.18 -6.88 -2.17
CA THR A 73 27.14 -5.70 -3.03
C THR A 73 25.75 -5.56 -3.62
N ILE A 74 25.15 -4.38 -3.45
CA ILE A 74 23.85 -4.08 -4.05
C ILE A 74 24.10 -3.35 -5.36
N SER A 75 23.27 -3.61 -6.36
CA SER A 75 23.40 -2.87 -7.60
C SER A 75 22.04 -2.81 -8.27
N ARG A 76 21.95 -1.97 -9.30
CA ARG A 76 20.68 -1.68 -9.92
C ARG A 76 20.86 -1.66 -11.42
N ASP A 77 20.00 -2.40 -12.13
CA ASP A 77 19.96 -2.37 -13.59
C ASP A 77 18.67 -1.68 -13.97
N ASN A 78 18.77 -0.40 -14.35
CA ASN A 78 17.58 0.37 -14.63
C ASN A 78 16.91 -0.07 -15.91
N ALA A 79 17.65 -0.67 -16.85
CA ALA A 79 17.02 -1.13 -18.09
C ALA A 79 16.18 -2.37 -17.85
N LYS A 80 16.64 -3.28 -17.00
CA LYS A 80 15.84 -4.44 -16.63
C LYS A 80 14.92 -4.18 -15.44
N ASN A 81 14.91 -2.97 -14.91
CA ASN A 81 14.14 -2.61 -13.72
C ASN A 81 14.31 -3.64 -12.62
N THR A 82 15.57 -3.95 -12.31
CA THR A 82 15.88 -4.98 -11.35
C THR A 82 17.01 -4.52 -10.44
N VAL A 83 16.94 -4.94 -9.18
CA VAL A 83 18.01 -4.73 -8.22
C VAL A 83 18.61 -6.08 -7.88
N TYR A 84 19.90 -6.08 -7.51
CA TYR A 84 20.63 -7.30 -7.23
C TYR A 84 21.32 -7.21 -5.87
N LEU A 85 21.53 -8.38 -5.26
CA LEU A 85 22.38 -8.49 -4.08
C LEU A 85 23.38 -9.61 -4.34
N GLN A 86 24.64 -9.21 -4.53
CA GLN A 86 25.74 -10.16 -4.69
C GLN A 86 26.25 -10.52 -3.30
N MET A 87 26.16 -11.80 -2.94
CA MET A 87 26.55 -12.27 -1.61
C MET A 87 27.73 -13.21 -1.76
N ASN A 88 28.88 -12.81 -1.21
CA ASN A 88 30.09 -13.61 -1.28
C ASN A 88 30.51 -14.02 0.13
N SER A 89 31.28 -15.10 0.20
CA SER A 89 31.81 -15.64 1.46
C SER A 89 30.69 -15.81 2.49
N LEU A 90 29.64 -16.53 2.08
CA LEU A 90 28.47 -16.67 2.93
C LEU A 90 28.77 -17.51 4.17
N LYS A 91 28.29 -17.03 5.31
CA LYS A 91 28.40 -17.65 6.62
C LYS A 91 27.05 -18.22 7.04
N PRO A 92 27.03 -19.26 7.89
CA PRO A 92 25.74 -19.93 8.17
C PRO A 92 24.72 -19.07 8.90
N GLU A 93 25.12 -17.99 9.57
CA GLU A 93 24.15 -17.08 10.16
C GLU A 93 23.70 -15.98 9.19
N ASP A 94 24.14 -16.04 7.93
CA ASP A 94 23.47 -15.33 6.84
C ASP A 94 22.18 -16.04 6.42
N THR A 95 21.88 -17.20 7.02
CA THR A 95 20.68 -17.95 6.67
CA THR A 95 20.68 -17.95 6.67
C THR A 95 19.44 -17.16 7.07
N ALA A 96 18.60 -16.83 6.10
CA ALA A 96 17.39 -16.06 6.32
C ALA A 96 16.63 -15.99 5.01
N VAL A 97 15.41 -15.44 5.06
CA VAL A 97 14.65 -15.12 3.88
C VAL A 97 14.94 -13.66 3.52
N TYR A 98 15.33 -13.41 2.27
CA TYR A 98 15.79 -12.10 1.84
C TYR A 98 14.70 -11.39 1.05
N TYR A 99 14.48 -10.11 1.36
CA TYR A 99 13.47 -9.30 0.70
C TYR A 99 14.12 -8.05 0.12
N CYS A 100 13.62 -7.60 -1.02
CA CYS A 100 13.93 -6.28 -1.53
C CYS A 100 12.74 -5.36 -1.30
N ALA A 101 13.01 -4.06 -1.21
CA ALA A 101 11.99 -3.11 -0.84
C ALA A 101 12.32 -1.77 -1.49
N VAL A 102 11.29 -0.96 -1.69
CA VAL A 102 11.44 0.40 -2.21
C VAL A 102 10.69 1.36 -1.29
N MET A 103 11.27 2.54 -1.07
CA MET A 103 10.61 3.57 -0.26
C MET A 103 9.64 4.32 -1.15
N VAL A 104 8.34 4.11 -0.92
CA VAL A 104 7.30 4.85 -1.62
C VAL A 104 6.37 5.47 -0.58
N GLY A 105 6.82 6.57 0.05
CA GLY A 105 6.13 7.06 1.23
C GLY A 105 6.32 6.16 2.44
N PHE A 106 6.10 4.86 2.24
CA PHE A 106 6.40 3.79 3.18
C PHE A 106 7.24 2.75 2.44
N TRP A 107 7.91 1.88 3.18
CA TRP A 107 8.62 0.77 2.55
C TRP A 107 7.63 -0.25 1.99
N TYR A 108 7.80 -0.64 0.73
CA TYR A 108 7.03 -1.71 0.15
C TYR A 108 7.97 -2.80 -0.35
N ALA A 109 7.78 -4.03 0.14
CA ALA A 109 8.73 -5.11 -0.07
C ALA A 109 8.09 -6.27 -0.84
N GLY A 110 8.93 -7.22 -1.22
CA GLY A 110 8.53 -8.31 -2.08
C GLY A 110 7.99 -9.50 -1.31
N GLN A 111 8.22 -10.69 -1.85
CA GLN A 111 7.70 -11.92 -1.27
C GLN A 111 8.75 -12.75 -0.54
N GLY A 112 10.03 -12.48 -0.75
CA GLY A 112 11.08 -13.19 -0.05
C GLY A 112 11.67 -14.32 -0.88
N THR A 113 12.96 -14.58 -0.65
CA THR A 113 13.63 -15.75 -1.22
C THR A 113 14.53 -16.35 -0.14
N GLN A 114 14.45 -17.67 0.03
CA GLN A 114 15.14 -18.33 1.13
C GLN A 114 16.61 -18.55 0.79
N VAL A 115 17.49 -18.25 1.74
CA VAL A 115 18.92 -18.47 1.60
C VAL A 115 19.38 -19.28 2.80
N THR A 116 19.97 -20.46 2.55
CA THR A 116 20.44 -21.36 3.60
C THR A 116 21.92 -21.67 3.39
N VAL A 117 22.74 -21.33 4.38
CA VAL A 117 24.19 -21.53 4.31
C VAL A 117 24.57 -22.66 5.24
N SER A 118 25.04 -23.78 4.67
CA SER A 118 25.47 -24.94 5.47
C SER A 118 26.65 -24.61 6.38
N GLY B 2 20.04 17.58 11.48
CA GLY B 2 19.57 16.73 12.55
C GLY B 2 18.60 15.64 12.11
N SER B 3 17.43 15.60 12.74
CA SER B 3 16.39 14.62 12.46
C SER B 3 15.03 15.27 12.62
N PRO B 4 14.00 14.79 11.93
CA PRO B 4 12.69 15.44 12.02
C PRO B 4 11.96 15.10 13.32
N ASN B 5 11.14 16.06 13.76
CA ASN B 5 10.24 15.79 14.87
C ASN B 5 9.29 14.65 14.51
N ILE B 6 8.87 13.89 15.52
CA ILE B 6 7.94 12.79 15.26
C ILE B 6 6.63 13.33 14.71
N THR B 7 6.28 14.57 15.06
CA THR B 7 5.13 15.24 14.47
C THR B 7 5.29 15.48 12.97
N ASN B 8 6.50 15.34 12.44
CA ASN B 8 6.79 15.59 11.03
C ASN B 8 6.86 14.32 10.20
N LEU B 9 6.64 13.15 10.79
CA LEU B 9 6.63 11.91 10.01
C LEU B 9 5.26 11.72 9.37
N CYS B 10 5.26 11.32 8.11
CA CYS B 10 4.01 11.06 7.40
C CYS B 10 3.28 9.88 8.03
N PRO B 11 1.96 9.98 8.21
CA PRO B 11 1.20 8.93 8.91
C PRO B 11 0.65 7.83 7.99
N PHE B 12 1.48 7.32 7.08
CA PHE B 12 1.04 6.21 6.25
C PHE B 12 0.76 4.97 7.09
N GLY B 13 1.59 4.72 8.10
CA GLY B 13 1.34 3.57 8.97
C GLY B 13 0.00 3.66 9.67
N GLU B 14 -0.40 4.86 10.06
CA GLU B 14 -1.69 5.04 10.74
C GLU B 14 -2.86 4.76 9.80
N VAL B 15 -2.67 4.97 8.50
CA VAL B 15 -3.71 4.65 7.54
C VAL B 15 -3.89 3.15 7.42
N PHE B 16 -2.80 2.44 7.19
CA PHE B 16 -2.90 1.02 6.91
C PHE B 16 -3.16 0.20 8.16
N ASN B 17 -2.73 0.69 9.31
CA ASN B 17 -2.79 -0.08 10.55
C ASN B 17 -3.95 0.31 11.46
N ALA B 18 -4.79 1.26 11.05
CA ALA B 18 -5.91 1.72 11.88
C ALA B 18 -6.76 0.54 12.34
N THR B 19 -7.23 0.62 13.59
CA THR B 19 -8.00 -0.49 14.16
C THR B 19 -9.38 -0.58 13.51
N ARG B 20 -10.03 0.56 13.30
CA ARG B 20 -11.31 0.58 12.60
C ARG B 20 -11.21 1.39 11.32
N PHE B 21 -12.01 0.98 10.34
CA PHE B 21 -12.14 1.60 9.03
C PHE B 21 -13.58 2.12 8.91
N ALA B 22 -13.75 3.10 8.03
CA ALA B 22 -15.04 3.70 7.83
C ALA B 22 -15.92 2.80 6.97
N SER B 23 -17.24 2.93 7.16
CA SER B 23 -18.17 2.42 6.17
C SER B 23 -17.97 3.16 4.86
N VAL B 24 -18.22 2.45 3.75
CA VAL B 24 -17.88 3.02 2.45
C VAL B 24 -18.73 4.23 2.11
N TYR B 25 -20.01 4.25 2.53
CA TYR B 25 -20.81 5.43 2.21
C TYR B 25 -20.28 6.66 2.91
N ALA B 26 -19.66 6.48 4.07
CA ALA B 26 -19.07 7.56 4.84
C ALA B 26 -17.56 7.50 4.77
N TRP B 27 -17.02 7.24 3.57
CA TRP B 27 -15.59 6.94 3.44
C TRP B 27 -14.75 8.03 4.09
N ASN B 28 -13.63 7.63 4.67
CA ASN B 28 -12.76 8.55 5.38
C ASN B 28 -11.66 9.08 4.47
N ARG B 29 -11.37 10.38 4.56
CA ARG B 29 -10.27 11.00 3.84
C ARG B 29 -9.27 11.55 4.85
N LYS B 30 -8.02 11.10 4.77
CA LYS B 30 -6.94 11.66 5.55
C LYS B 30 -5.96 12.38 4.62
N ARG B 31 -5.67 13.63 4.95
CA ARG B 31 -4.70 14.43 4.21
C ARG B 31 -3.31 14.16 4.76
N ILE B 32 -2.39 13.75 3.88
CA ILE B 32 -0.99 13.55 4.24
C ILE B 32 -0.21 14.71 3.62
N SER B 33 0.47 15.47 4.47
CA SER B 33 1.02 16.74 4.05
C SER B 33 2.13 17.15 5.01
N ASN B 34 3.04 18.00 4.53
CA ASN B 34 4.04 18.64 5.38
C ASN B 34 4.77 17.61 6.24
N CYS B 35 5.26 16.54 5.62
CA CYS B 35 5.86 15.49 6.40
C CYS B 35 6.90 14.75 5.57
N VAL B 36 7.69 13.92 6.25
CA VAL B 36 8.72 13.10 5.62
C VAL B 36 8.54 11.67 6.07
N ALA B 37 9.14 10.76 5.31
CA ALA B 37 8.87 9.34 5.44
C ALA B 37 9.31 8.81 6.80
N ASP B 38 8.51 7.89 7.33
CA ASP B 38 8.87 7.11 8.51
C ASP B 38 9.54 5.84 8.01
N TYR B 39 10.84 5.73 8.22
CA TYR B 39 11.55 4.57 7.69
C TYR B 39 11.25 3.29 8.46
N SER B 40 10.47 3.34 9.54
CA SER B 40 10.09 2.13 10.27
C SER B 40 8.82 1.49 9.73
N VAL B 41 8.13 2.12 8.78
CA VAL B 41 6.83 1.63 8.31
C VAL B 41 7.04 0.81 7.05
N LEU B 42 6.61 -0.46 7.07
CA LEU B 42 6.87 -1.39 5.97
C LEU B 42 5.70 -2.34 5.76
N TYR B 43 5.37 -2.59 4.48
CA TYR B 43 4.42 -3.61 4.07
C TYR B 43 5.06 -4.42 2.95
N ASN B 44 4.57 -5.63 2.72
CA ASN B 44 5.15 -6.49 1.70
C ASN B 44 4.04 -7.11 0.85
N SER B 45 4.41 -7.99 -0.09
CA SER B 45 3.39 -8.53 -0.99
C SER B 45 2.32 -9.27 -0.21
N ALA B 46 2.69 -9.82 0.95
CA ALA B 46 1.73 -10.53 1.77
C ALA B 46 0.70 -9.58 2.40
N SER B 47 1.01 -8.29 2.52
CA SER B 47 0.07 -7.38 3.18
C SER B 47 -1.15 -7.08 2.33
N PHE B 48 -0.97 -6.96 1.02
CA PHE B 48 -2.00 -6.45 0.13
C PHE B 48 -2.34 -7.49 -0.93
N SER B 49 -3.62 -7.57 -1.29
CA SER B 49 -3.99 -8.35 -2.46
C SER B 49 -4.05 -7.49 -3.72
N THR B 50 -4.13 -6.16 -3.57
CA THR B 50 -4.14 -5.24 -4.68
C THR B 50 -3.22 -4.07 -4.36
N PHE B 51 -2.37 -3.70 -5.32
CA PHE B 51 -1.60 -2.43 -5.26
C PHE B 51 -1.38 -2.03 -6.71
N LYS B 52 -2.31 -1.23 -7.24
CA LYS B 52 -2.26 -0.77 -8.63
C LYS B 52 -2.25 0.75 -8.67
N CYS B 53 -1.41 1.30 -9.53
CA CYS B 53 -1.35 2.74 -9.73
C CYS B 53 -1.74 3.08 -11.16
N TYR B 54 -2.34 4.25 -11.32
CA TYR B 54 -2.86 4.72 -12.60
C TYR B 54 -2.15 6.01 -12.97
N GLY B 55 -1.39 5.98 -14.07
CA GLY B 55 -0.77 7.17 -14.59
C GLY B 55 0.33 7.76 -13.73
N VAL B 56 0.79 7.03 -12.73
CA VAL B 56 1.71 7.59 -11.77
C VAL B 56 2.55 6.46 -11.16
N SER B 57 3.81 6.76 -10.88
CA SER B 57 4.63 5.86 -10.09
C SER B 57 4.37 6.09 -8.60
N PRO B 58 4.31 5.03 -7.79
CA PRO B 58 4.15 5.22 -6.35
C PRO B 58 5.29 5.98 -5.71
N THR B 59 6.43 6.12 -6.41
CA THR B 59 7.50 6.96 -5.88
C THR B 59 7.09 8.43 -5.77
N LYS B 60 6.00 8.84 -6.44
CA LYS B 60 5.49 10.19 -6.21
C LYS B 60 5.03 10.41 -4.78
N LEU B 61 4.75 9.33 -4.03
CA LEU B 61 4.37 9.47 -2.62
C LEU B 61 5.48 10.08 -1.79
N ASN B 62 6.69 10.16 -2.32
CA ASN B 62 7.82 10.78 -1.64
C ASN B 62 7.95 12.28 -1.91
N ASP B 63 7.09 12.86 -2.73
CA ASP B 63 7.29 14.24 -3.22
C ASP B 63 6.18 15.14 -2.70
N LEU B 64 6.33 15.63 -1.47
CA LEU B 64 5.26 16.41 -0.85
C LEU B 64 5.58 17.90 -0.73
N CYS B 65 6.64 18.40 -1.40
CA CYS B 65 6.94 19.82 -1.27
C CYS B 65 5.87 20.70 -1.89
N PHE B 66 5.28 20.27 -3.01
CA PHE B 66 4.19 21.02 -3.65
C PHE B 66 2.98 20.14 -3.91
N THR B 67 2.80 19.09 -3.13
CA THR B 67 1.72 18.14 -3.32
C THR B 67 1.29 17.61 -1.97
N ASN B 68 -0.02 17.45 -1.78
CA ASN B 68 -0.58 16.69 -0.68
C ASN B 68 -1.09 15.34 -1.19
N VAL B 69 -1.06 14.33 -0.33
CA VAL B 69 -1.66 13.03 -0.64
C VAL B 69 -2.95 12.89 0.15
N TYR B 70 -4.02 12.48 -0.53
CA TYR B 70 -5.26 12.09 0.11
C TYR B 70 -5.29 10.58 0.18
N ALA B 71 -5.54 10.04 1.36
CA ALA B 71 -5.74 8.61 1.54
C ALA B 71 -7.20 8.42 1.92
N ASP B 72 -8.00 7.89 0.98
CA ASP B 72 -9.39 7.57 1.24
C ASP B 72 -9.49 6.10 1.61
N SER B 73 -10.22 5.79 2.68
CA SER B 73 -10.23 4.40 3.15
C SER B 73 -11.62 4.00 3.63
N PHE B 74 -11.93 2.71 3.50
CA PHE B 74 -13.26 2.15 3.74
C PHE B 74 -13.21 0.64 3.58
N VAL B 75 -14.32 -0.03 3.95
CA VAL B 75 -14.47 -1.48 3.81
C VAL B 75 -15.62 -1.76 2.84
N ILE B 76 -15.40 -2.71 1.92
CA ILE B 76 -16.40 -3.20 0.98
C ILE B 76 -16.20 -4.71 0.87
N ARG B 77 -17.04 -5.38 0.07
CA ARG B 77 -16.92 -6.82 -0.18
C ARG B 77 -15.82 -7.12 -1.18
N GLY B 78 -15.30 -8.35 -1.11
CA GLY B 78 -14.27 -8.76 -2.07
C GLY B 78 -14.71 -8.58 -3.52
N ASP B 79 -15.93 -8.96 -3.83
CA ASP B 79 -16.37 -8.89 -5.21
C ASP B 79 -16.72 -7.46 -5.66
N GLU B 80 -16.61 -6.47 -4.76
CA GLU B 80 -16.77 -5.07 -5.13
C GLU B 80 -15.45 -4.31 -5.33
N VAL B 81 -14.31 -4.91 -4.99
CA VAL B 81 -13.05 -4.17 -5.09
C VAL B 81 -12.78 -3.72 -6.53
N ARG B 82 -13.21 -4.52 -7.51
CA ARG B 82 -13.08 -4.15 -8.93
C ARG B 82 -13.74 -2.82 -9.25
N GLN B 83 -14.71 -2.38 -8.46
CA GLN B 83 -15.35 -1.09 -8.71
C GLN B 83 -14.51 0.09 -8.25
N ILE B 84 -13.45 -0.12 -7.48
CA ILE B 84 -12.59 1.00 -7.05
C ILE B 84 -11.54 1.16 -8.14
N ALA B 85 -11.96 1.75 -9.25
CA ALA B 85 -11.12 1.86 -10.44
C ALA B 85 -11.81 2.82 -11.41
N PRO B 86 -11.06 3.47 -12.29
CA PRO B 86 -11.69 4.38 -13.26
C PRO B 86 -12.66 3.61 -14.14
N GLY B 87 -13.76 4.27 -14.50
CA GLY B 87 -14.66 3.71 -15.48
C GLY B 87 -15.54 2.57 -15.04
N GLN B 88 -15.76 2.39 -13.74
CA GLN B 88 -16.59 1.28 -13.28
C GLN B 88 -18.02 1.73 -12.95
N THR B 89 -18.95 0.78 -13.01
CA THR B 89 -20.30 1.04 -12.54
C THR B 89 -20.74 -0.09 -11.63
N GLY B 90 -21.67 0.22 -10.75
CA GLY B 90 -22.20 -0.76 -9.83
C GLY B 90 -22.59 -0.07 -8.54
N LYS B 91 -23.01 -0.87 -7.55
CA LYS B 91 -23.50 -0.28 -6.31
C LYS B 91 -22.47 0.63 -5.66
N ILE B 92 -21.20 0.20 -5.62
CA ILE B 92 -20.19 1.00 -4.94
C ILE B 92 -19.81 2.21 -5.78
N ALA B 93 -19.44 1.99 -7.05
CA ALA B 93 -19.03 3.11 -7.90
C ALA B 93 -20.15 4.13 -8.04
N ASP B 94 -21.40 3.67 -8.17
CA ASP B 94 -22.52 4.58 -8.42
C ASP B 94 -22.88 5.37 -7.18
N TYR B 95 -23.01 4.68 -6.04
CA TYR B 95 -23.67 5.28 -4.90
C TYR B 95 -22.78 5.49 -3.70
N ASN B 96 -21.54 4.98 -3.70
CA ASN B 96 -20.73 5.08 -2.48
C ASN B 96 -19.39 5.77 -2.67
N TYR B 97 -18.56 5.32 -3.61
CA TYR B 97 -17.24 5.92 -3.80
C TYR B 97 -16.91 5.86 -5.28
N LYS B 98 -16.74 7.02 -5.91
CA LYS B 98 -16.63 7.08 -7.36
C LYS B 98 -15.27 7.66 -7.76
N LEU B 99 -14.47 6.87 -8.53
CA LEU B 99 -13.24 7.42 -9.06
C LEU B 99 -13.47 8.01 -10.45
N PRO B 100 -12.75 9.06 -10.81
CA PRO B 100 -12.94 9.67 -12.13
C PRO B 100 -12.34 8.81 -13.24
N ASP B 101 -12.86 9.04 -14.46
CA ASP B 101 -12.38 8.31 -15.63
C ASP B 101 -10.89 8.53 -15.84
N ASP B 102 -10.40 9.74 -15.56
CA ASP B 102 -9.00 10.09 -15.73
C ASP B 102 -8.21 10.01 -14.42
N PHE B 103 -8.60 9.09 -13.53
CA PHE B 103 -7.97 8.98 -12.21
C PHE B 103 -6.47 8.82 -12.31
N THR B 104 -5.77 9.56 -11.46
CA THR B 104 -4.33 9.47 -11.26
C THR B 104 -4.10 9.18 -9.79
N GLY B 105 -3.43 8.07 -9.49
CA GLY B 105 -3.22 7.68 -8.09
C GLY B 105 -3.12 6.17 -7.99
N CYS B 106 -3.25 5.65 -6.76
CA CYS B 106 -3.09 4.23 -6.51
C CYS B 106 -4.26 3.69 -5.70
N VAL B 107 -4.56 2.41 -5.91
CA VAL B 107 -5.56 1.71 -5.12
C VAL B 107 -4.89 0.52 -4.46
N ILE B 108 -5.03 0.43 -3.15
CA ILE B 108 -4.52 -0.69 -2.37
C ILE B 108 -5.70 -1.34 -1.65
N ALA B 109 -5.71 -2.67 -1.59
CA ALA B 109 -6.75 -3.39 -0.88
C ALA B 109 -6.16 -4.64 -0.25
N TRP B 110 -6.79 -5.10 0.83
CA TRP B 110 -6.40 -6.36 1.44
C TRP B 110 -7.59 -7.02 2.10
N ASN B 111 -7.54 -8.34 2.15
CA ASN B 111 -8.58 -9.12 2.80
C ASN B 111 -8.52 -8.89 4.30
N SER B 112 -9.65 -8.48 4.89
CA SER B 112 -9.70 -8.18 6.32
C SER B 112 -10.62 -9.12 7.07
N ASN B 113 -10.87 -10.31 6.50
CA ASN B 113 -11.75 -11.30 7.12
C ASN B 113 -11.42 -11.52 8.59
N ASN B 114 -10.12 -11.61 8.92
CA ASN B 114 -9.75 -11.94 10.29
C ASN B 114 -10.04 -10.81 11.27
N LEU B 115 -10.18 -9.58 10.80
CA LEU B 115 -10.54 -8.48 11.68
C LEU B 115 -11.98 -8.02 11.53
N ASP B 116 -12.57 -8.10 10.34
CA ASP B 116 -13.84 -7.42 10.11
C ASP B 116 -15.04 -8.37 10.04
N SER B 117 -14.83 -9.68 10.02
CA SER B 117 -15.91 -10.66 10.12
CA SER B 117 -15.93 -10.63 10.13
C SER B 117 -15.99 -11.18 11.56
N LYS B 118 -17.19 -11.63 11.94
CA LYS B 118 -17.37 -12.30 13.23
C LYS B 118 -18.40 -13.41 13.09
N VAL B 119 -18.29 -14.42 13.97
CA VAL B 119 -19.30 -15.48 14.00
C VAL B 119 -20.66 -14.88 14.26
N GLY B 120 -21.65 -15.26 13.43
CA GLY B 120 -22.97 -14.66 13.46
C GLY B 120 -23.10 -13.39 12.65
N GLY B 121 -22.00 -12.90 12.07
CA GLY B 121 -22.03 -11.70 11.26
C GLY B 121 -21.55 -10.45 11.97
N ASN B 122 -20.69 -9.68 11.31
CA ASN B 122 -20.42 -8.30 11.70
C ASN B 122 -21.28 -7.40 10.82
N TYR B 123 -22.14 -6.59 11.44
CA TYR B 123 -23.09 -5.73 10.73
C TYR B 123 -22.76 -4.24 10.84
N ASN B 124 -21.58 -3.91 11.33
CA ASN B 124 -21.25 -2.52 11.60
C ASN B 124 -20.85 -1.76 10.33
N TYR B 125 -20.47 -2.43 9.25
CA TYR B 125 -20.15 -1.73 8.01
C TYR B 125 -21.39 -1.61 7.12
N LEU B 126 -21.67 -0.39 6.66
CA LEU B 126 -22.86 -0.05 5.90
C LEU B 126 -22.47 0.40 4.49
N TYR B 127 -23.41 0.25 3.56
CA TYR B 127 -23.29 0.84 2.23
C TYR B 127 -24.60 1.51 1.86
N ARG B 128 -24.55 2.46 0.93
CA ARG B 128 -25.75 3.05 0.35
C ARG B 128 -26.22 2.16 -0.79
N LEU B 129 -27.49 1.79 -0.75
CA LEU B 129 -28.06 0.85 -1.71
C LEU B 129 -28.90 1.52 -2.79
N PHE B 130 -29.41 2.73 -2.52
CA PHE B 130 -30.33 3.45 -3.39
C PHE B 130 -29.88 4.90 -3.46
N ARG B 131 -30.05 5.52 -4.62
CA ARG B 131 -29.76 6.93 -4.76
C ARG B 131 -30.41 7.46 -6.03
N LYS B 132 -30.81 8.73 -6.00
CA LYS B 132 -31.49 9.34 -7.13
C LYS B 132 -30.57 9.51 -8.34
N SER B 133 -29.27 9.65 -8.11
CA SER B 133 -28.34 9.78 -9.22
C SER B 133 -27.00 9.23 -8.80
N ASN B 134 -26.13 9.02 -9.77
CA ASN B 134 -24.79 8.53 -9.51
C ASN B 134 -23.95 9.62 -8.87
N LEU B 135 -23.02 9.22 -8.02
CA LEU B 135 -22.05 10.15 -7.46
C LEU B 135 -21.14 10.68 -8.56
N LYS B 136 -20.80 11.96 -8.45
CA LYS B 136 -19.68 12.52 -9.19
C LYS B 136 -18.38 12.00 -8.58
N PRO B 137 -17.27 12.05 -9.32
CA PRO B 137 -16.00 11.55 -8.79
C PRO B 137 -15.63 12.24 -7.48
N PHE B 138 -15.26 11.43 -6.49
CA PHE B 138 -14.89 11.86 -5.14
C PHE B 138 -16.03 12.53 -4.39
N GLU B 139 -17.27 12.44 -4.88
CA GLU B 139 -18.40 12.94 -4.11
C GLU B 139 -18.69 12.00 -2.95
N ARG B 140 -19.30 12.55 -1.89
CA ARG B 140 -19.60 11.78 -0.68
C ARG B 140 -21.00 12.14 -0.26
N ASP B 141 -21.81 11.13 0.04
CA ASP B 141 -23.20 11.33 0.45
C ASP B 141 -23.40 10.62 1.77
N ILE B 142 -23.71 11.37 2.82
CA ILE B 142 -23.98 10.79 4.13
C ILE B 142 -25.42 11.10 4.57
N SER B 143 -26.28 11.49 3.65
CA SER B 143 -27.68 11.75 3.96
C SER B 143 -28.41 10.44 4.24
N THR B 144 -29.52 10.54 4.98
CA THR B 144 -30.29 9.35 5.36
C THR B 144 -31.77 9.56 5.13
N GLU B 145 -32.13 10.09 3.97
CA GLU B 145 -33.54 10.30 3.65
C GLU B 145 -34.14 9.04 3.04
N ILE B 146 -35.42 8.80 3.33
CA ILE B 146 -36.11 7.65 2.77
C ILE B 146 -36.12 7.77 1.26
N TYR B 147 -35.71 6.70 0.59
CA TYR B 147 -35.61 6.68 -0.88
C TYR B 147 -36.94 6.28 -1.49
N GLN B 148 -37.40 7.06 -2.46
CA GLN B 148 -38.69 6.82 -3.10
C GLN B 148 -38.44 5.97 -4.34
N ALA B 149 -38.74 4.68 -4.27
CA ALA B 149 -38.51 3.79 -5.41
C ALA B 149 -39.68 3.73 -6.37
N GLY B 150 -40.88 4.11 -5.93
CA GLY B 150 -42.05 4.15 -6.77
C GLY B 150 -42.49 5.57 -7.08
N SER B 151 -43.70 5.67 -7.64
CA SER B 151 -44.26 6.98 -7.98
C SER B 151 -44.98 7.65 -6.82
N THR B 152 -45.34 6.90 -5.79
CA THR B 152 -46.01 7.47 -4.63
C THR B 152 -45.00 8.07 -3.68
N PRO B 153 -45.10 9.35 -3.33
CA PRO B 153 -44.21 9.91 -2.31
C PRO B 153 -44.30 9.11 -1.02
N CYS B 154 -43.20 9.11 -0.29
CA CYS B 154 -43.07 8.29 0.92
C CYS B 154 -43.44 9.05 2.17
N ASN B 155 -43.26 10.37 2.17
CA ASN B 155 -43.52 11.21 3.34
C ASN B 155 -42.82 10.65 4.57
N GLY B 156 -41.56 10.27 4.39
CA GLY B 156 -40.70 9.91 5.50
C GLY B 156 -41.00 8.60 6.20
N VAL B 157 -41.79 7.70 5.59
CA VAL B 157 -42.11 6.42 6.20
C VAL B 157 -41.73 5.29 5.26
N GLU B 158 -41.16 4.23 5.83
CA GLU B 158 -40.71 3.10 5.04
C GLU B 158 -41.87 2.17 4.71
N GLY B 159 -41.80 1.59 3.51
CA GLY B 159 -42.81 0.66 3.08
C GLY B 159 -42.36 0.09 1.76
N PHE B 160 -43.31 -0.47 1.01
CA PHE B 160 -42.97 -0.89 -0.34
C PHE B 160 -42.64 0.34 -1.16
N ASN B 161 -41.57 0.26 -1.94
CA ASN B 161 -41.03 1.35 -2.74
C ASN B 161 -40.59 2.56 -1.92
N CYS B 162 -40.46 2.42 -0.59
CA CYS B 162 -40.03 3.52 0.29
C CYS B 162 -38.99 2.99 1.27
N TYR B 163 -37.70 3.14 0.95
CA TYR B 163 -36.65 2.38 1.62
C TYR B 163 -35.64 3.28 2.35
N PHE B 164 -35.27 2.87 3.55
CA PHE B 164 -34.10 3.48 4.18
C PHE B 164 -32.88 3.15 3.31
N PRO B 165 -32.03 4.13 2.99
CA PRO B 165 -31.04 3.92 1.92
C PRO B 165 -29.74 3.22 2.32
N LEU B 166 -29.42 3.13 3.61
CA LEU B 166 -28.19 2.46 4.02
C LEU B 166 -28.53 1.04 4.48
N GLN B 167 -27.65 0.10 4.15
CA GLN B 167 -27.87 -1.30 4.48
C GLN B 167 -26.54 -1.87 4.98
N SER B 168 -26.61 -2.89 5.83
CA SER B 168 -25.41 -3.46 6.46
C SER B 168 -24.86 -4.61 5.63
N TYR B 169 -23.55 -4.62 5.42
CA TYR B 169 -22.91 -5.89 5.06
C TYR B 169 -23.10 -6.84 6.23
N GLY B 170 -23.21 -8.14 5.93
CA GLY B 170 -23.06 -9.11 7.00
C GLY B 170 -21.84 -9.97 6.80
N PHE B 171 -20.72 -9.63 7.44
CA PHE B 171 -19.47 -10.31 7.20
C PHE B 171 -19.36 -11.48 8.17
N GLN B 172 -19.40 -12.72 7.64
CA GLN B 172 -19.17 -13.95 8.39
C GLN B 172 -17.87 -14.59 7.96
N PRO B 173 -17.07 -15.13 8.88
CA PRO B 173 -15.75 -15.67 8.49
C PRO B 173 -15.85 -16.83 7.52
N THR B 174 -16.97 -17.53 7.47
CA THR B 174 -17.22 -18.65 6.57
C THR B 174 -17.70 -18.21 5.19
N ASN B 175 -17.92 -16.92 4.97
CA ASN B 175 -18.31 -16.45 3.65
C ASN B 175 -17.26 -16.83 2.63
N GLY B 176 -17.71 -17.07 1.40
CA GLY B 176 -16.78 -17.14 0.29
C GLY B 176 -16.01 -15.84 0.16
N VAL B 177 -14.83 -15.91 -0.47
CA VAL B 177 -13.94 -14.76 -0.48
C VAL B 177 -14.58 -13.54 -1.14
N GLY B 178 -15.43 -13.74 -2.15
CA GLY B 178 -16.14 -12.62 -2.76
C GLY B 178 -17.09 -11.89 -1.83
N TYR B 179 -17.49 -12.52 -0.72
CA TYR B 179 -18.35 -11.89 0.28
C TYR B 179 -17.62 -11.59 1.58
N GLN B 180 -16.30 -11.74 1.58
CA GLN B 180 -15.53 -11.36 2.74
C GLN B 180 -15.18 -9.87 2.69
N PRO B 181 -14.92 -9.25 3.83
CA PRO B 181 -14.62 -7.81 3.84
C PRO B 181 -13.21 -7.55 3.34
N TYR B 182 -13.05 -6.43 2.63
CA TYR B 182 -11.75 -5.95 2.18
C TYR B 182 -11.59 -4.51 2.62
N ARG B 183 -10.44 -4.19 3.21
CA ARG B 183 -10.09 -2.81 3.50
C ARG B 183 -9.41 -2.23 2.27
N VAL B 184 -9.77 -0.98 1.95
CA VAL B 184 -9.32 -0.33 0.72
C VAL B 184 -8.72 1.02 1.07
N VAL B 185 -7.59 1.34 0.45
CA VAL B 185 -6.95 2.65 0.60
C VAL B 185 -6.73 3.20 -0.80
N VAL B 186 -7.32 4.35 -1.09
CA VAL B 186 -7.10 5.05 -2.36
C VAL B 186 -6.19 6.24 -2.08
N LEU B 187 -5.07 6.29 -2.79
CA LEU B 187 -4.09 7.37 -2.66
C LEU B 187 -4.19 8.26 -3.89
N SER B 188 -4.45 9.55 -3.69
CA SER B 188 -4.48 10.50 -4.79
C SER B 188 -3.72 11.76 -4.38
N PHE B 189 -3.55 12.68 -5.33
CA PHE B 189 -2.63 13.81 -5.15
C PHE B 189 -3.37 15.13 -5.28
N GLU B 190 -2.99 16.09 -4.42
CA GLU B 190 -3.50 17.48 -4.45
C GLU B 190 -2.31 18.38 -4.76
N LEU B 191 -2.32 19.02 -5.94
CA LEU B 191 -1.24 19.93 -6.34
C LEU B 191 -1.39 21.24 -5.57
N LEU B 192 -0.29 21.73 -5.02
CA LEU B 192 -0.30 22.92 -4.17
C LEU B 192 0.36 24.11 -4.85
N HIS B 193 -0.06 25.31 -4.45
CA HIS B 193 0.47 26.58 -4.95
C HIS B 193 1.53 27.19 -4.05
N ALA B 194 1.71 26.65 -2.85
CA ALA B 194 2.72 27.19 -1.95
C ALA B 194 3.56 26.04 -1.42
N PRO B 195 4.84 26.30 -1.16
CA PRO B 195 5.73 25.22 -0.72
C PRO B 195 5.40 24.73 0.67
N ALA B 196 5.59 23.44 0.87
CA ALA B 196 5.38 22.81 2.17
C ALA B 196 6.41 23.31 3.17
N THR B 197 6.00 23.39 4.44
CA THR B 197 6.94 23.75 5.49
C THR B 197 7.94 22.63 5.75
N VAL B 198 7.49 21.37 5.66
CA VAL B 198 8.35 20.20 5.83
C VAL B 198 8.13 19.27 4.65
N CYS B 199 9.22 18.81 4.04
CA CYS B 199 9.15 17.86 2.93
C CYS B 199 10.58 17.46 2.60
N GLY B 200 10.76 16.71 1.52
CA GLY B 200 12.07 16.27 1.14
C GLY B 200 12.18 16.04 -0.35
N PRO B 201 13.38 16.23 -0.90
CA PRO B 201 13.59 16.01 -2.34
C PRO B 201 13.52 14.54 -2.72
N LYS B 202 13.22 14.31 -4.00
CA LYS B 202 13.21 12.96 -4.56
C LYS B 202 14.59 12.30 -4.44
N LYS B 203 15.66 13.01 -4.79
CA LYS B 203 16.99 12.44 -4.64
C LYS B 203 17.36 12.31 -3.17
N SER B 204 17.92 11.15 -2.80
CA SER B 204 18.25 10.87 -1.41
C SER B 204 19.10 11.99 -0.81
N THR B 205 18.87 12.25 0.47
CA THR B 205 19.65 13.22 1.22
C THR B 205 20.53 12.56 2.26
N GLY B 206 20.48 11.23 2.38
CA GLY B 206 21.28 10.50 3.34
C GLY B 206 20.48 9.82 4.45
N THR B 207 19.15 9.93 4.45
CA THR B 207 18.34 9.31 5.49
C THR B 207 18.51 7.80 5.57
N LEU B 208 19.00 7.16 4.51
CA LEU B 208 19.19 5.71 4.52
C LEU B 208 20.13 5.25 5.62
N GLU B 209 21.02 6.14 6.10
CA GLU B 209 21.95 5.75 7.15
C GLU B 209 21.25 5.32 8.43
N VAL B 210 19.99 5.73 8.64
CA VAL B 210 19.29 5.38 9.87
C VAL B 210 18.88 3.92 9.90
N LEU B 211 18.85 3.24 8.77
CA LEU B 211 18.61 1.81 8.80
C LEU B 211 19.83 1.03 9.26
N PHE B 212 21.00 1.65 9.27
CA PHE B 212 22.22 0.96 9.63
C PHE B 212 22.84 1.64 10.83
N GLN B 213 22.00 1.91 11.83
CA GLN B 213 22.36 2.58 13.07
C GLN B 213 21.81 1.78 14.25
C1 NAG C . 0.92 -2.84 11.17
C2 NAG C . 1.38 -3.60 12.42
C3 NAG C . 2.43 -4.67 12.05
C4 NAG C . 1.99 -5.50 10.85
C5 NAG C . 1.60 -4.56 9.71
C6 NAG C . 1.12 -5.25 8.46
C7 NAG C . 1.38 -2.43 14.58
C8 NAG C . 2.07 -1.42 15.43
N2 NAG C . 1.94 -2.67 13.39
O3 NAG C . 2.60 -5.55 13.17
O4 NAG C . 3.06 -6.35 10.44
O5 NAG C . 0.51 -3.74 10.17
O6 NAG C . 0.02 -6.11 8.72
O7 NAG C . 0.37 -3.03 14.96
C1 NAG C . 2.62 -7.70 10.23
C2 NAG C . 3.74 -8.42 9.46
C3 NAG C . 3.38 -9.87 9.22
C4 NAG C . 2.99 -10.55 10.52
C5 NAG C . 1.90 -9.76 11.22
C6 NAG C . 1.50 -10.33 12.56
C7 NAG C . 5.08 -6.97 8.01
C8 NAG C . 5.22 -6.37 6.64
N2 NAG C . 4.01 -7.75 8.20
O3 NAG C . 4.50 -10.52 8.62
O4 NAG C . 2.51 -11.86 10.24
O5 NAG C . 2.35 -8.41 11.45
O6 NAG C . 2.34 -9.84 13.60
O7 NAG C . 5.89 -6.76 8.90
C1 BMA C . 3.44 -12.86 10.70
C2 BMA C . 2.58 -14.09 10.94
C3 BMA C . 3.44 -15.28 11.33
C4 BMA C . 4.57 -15.52 10.29
C5 BMA C . 5.39 -14.21 10.06
C6 BMA C . 6.40 -14.33 8.93
O2 BMA C . 1.90 -14.44 9.73
O3 BMA C . 2.65 -16.46 11.48
O4 BMA C . 5.44 -16.57 10.72
O5 BMA C . 4.48 -13.11 9.76
O6 BMA C . 5.73 -14.88 7.77
C1 MAN C . 1.84 -16.38 12.68
C2 MAN C . 1.77 -17.80 13.25
C3 MAN C . 0.98 -18.69 12.27
C4 MAN C . -0.40 -18.09 11.93
C5 MAN C . -0.24 -16.63 11.44
C6 MAN C . -1.58 -15.93 11.24
O2 MAN C . 1.05 -17.83 14.50
O3 MAN C . 0.84 -20.02 12.77
O4 MAN C . -1.02 -18.86 10.91
O5 MAN C . 0.53 -15.88 12.41
O6 MAN C . -2.17 -16.41 10.04
C1 MAN C . 6.67 -15.32 6.76
C2 MAN C . 5.84 -15.89 5.55
C3 MAN C . 5.31 -17.32 5.85
C4 MAN C . 6.42 -18.24 6.40
C5 MAN C . 7.07 -17.59 7.63
C6 MAN C . 8.22 -18.42 8.19
O2 MAN C . 6.64 -16.01 4.36
O3 MAN C . 4.71 -17.91 4.69
O4 MAN C . 5.86 -19.50 6.77
O5 MAN C . 7.60 -16.27 7.28
O6 MAN C . 8.81 -17.71 9.27
C1 FUC C . 3.74 -5.23 14.00
C2 FUC C . 3.46 -5.84 15.39
C3 FUC C . 3.36 -7.38 15.25
C4 FUC C . 4.68 -7.94 14.66
C5 FUC C . 5.03 -7.18 13.34
C6 FUC C . 6.42 -7.50 12.80
O2 FUC C . 2.30 -5.29 16.03
O3 FUC C . 3.10 -8.03 16.51
O4 FUC C . 5.73 -7.83 15.60
O5 FUC C . 4.95 -5.72 13.47
C1 FUC C . -0.23 -6.93 7.56
C2 FUC C . -1.25 -8.08 7.93
C3 FUC C . -2.72 -7.59 8.00
C4 FUC C . -3.07 -6.64 6.83
C5 FUC C . -2.01 -5.53 6.72
C6 FUC C . -2.23 -4.58 5.52
O2 FUC C . -0.89 -8.75 9.14
O3 FUC C . -3.61 -8.70 7.91
O4 FUC C . -3.10 -7.39 5.62
O5 FUC C . -0.71 -6.10 6.52
C FMT D . 27.83 -6.68 -10.07
O1 FMT D . 27.26 -6.19 -11.04
O2 FMT D . 27.33 -6.90 -8.94
C FMT E . 21.38 -0.30 -16.21
O1 FMT E . 21.88 0.50 -15.43
O2 FMT E . 20.91 -0.04 -17.32
C1 GOL F . 12.59 9.39 -3.13
O1 GOL F . 11.65 8.74 -4.02
C2 GOL F . 12.47 8.85 -1.63
O2 GOL F . 13.08 9.73 -0.68
C3 GOL F . 13.12 7.41 -1.60
O3 GOL F . 12.35 6.47 -2.35
C ACT G . 0.87 -7.35 -4.61
O ACT G . 1.70 -6.43 -5.02
OXT ACT G . 1.09 -8.48 -4.07
CH3 ACT G . -0.65 -6.99 -4.81
C FMT H . 19.26 6.59 -15.50
O1 FMT H . 18.55 5.59 -15.43
O2 FMT H . 20.50 6.56 -15.42
C ACT I . -26.51 -5.76 -2.25
O ACT I . -25.30 -5.31 -2.36
OXT ACT I . -27.01 -6.83 -2.64
CH3 ACT I . -27.49 -4.87 -1.52
C FMT J . 12.64 8.56 10.47
O1 FMT J . 13.59 9.21 10.02
O2 FMT J . 12.31 7.44 10.07
C FMT K . -13.02 6.48 10.74
O1 FMT K . -13.51 5.52 11.34
O2 FMT K . -13.69 7.28 10.06
C FMT L . -14.04 11.94 5.11
O1 FMT L . -14.40 12.90 4.43
O2 FMT L . -13.24 11.98 6.06
C FMT M . -7.85 -12.00 -2.95
O1 FMT M . -7.59 -11.77 -1.76
O2 FMT M . -7.19 -11.59 -3.91
C FMT N . -31.49 -1.63 4.92
O1 FMT N . -31.83 -0.81 4.05
O2 FMT N . -31.28 -2.84 4.74
C1 GOL O . -9.42 -4.06 -8.32
O1 GOL O . -8.63 -5.20 -8.31
C2 GOL O . -8.58 -2.98 -9.02
O2 GOL O . -8.98 -2.78 -10.34
C3 GOL O . -8.66 -1.71 -8.14
O3 GOL O . -7.97 -0.64 -8.81
C1 GOL P . -8.57 -8.28 -4.92
O1 GOL P . -8.27 -7.33 -3.89
C2 GOL P . -10.11 -8.71 -4.94
O2 GOL P . -10.74 -8.67 -3.70
C3 GOL P . -10.13 -10.17 -5.52
O3 GOL P . -11.06 -10.89 -4.75
C1 GOL Q . -15.57 15.21 -0.92
O1 GOL Q . -14.82 15.19 -2.10
C2 GOL Q . -14.54 15.47 0.21
O2 GOL Q . -14.13 16.80 0.26
C3 GOL Q . -15.26 15.01 1.51
O3 GOL Q . -14.38 14.17 2.17
C FMT R . -2.23 25.20 -2.07
O1 FMT R . -2.91 25.47 -3.05
O2 FMT R . -1.17 25.79 -1.76
C FMT S . 24.13 16.76 -6.20
O1 FMT S . 23.55 16.26 -5.24
O2 FMT S . 23.77 16.59 -7.37
C1 GOL T . -6.93 11.68 -9.36
O1 GOL T . -7.49 11.87 -10.61
C2 GOL T . -6.68 13.10 -8.73
O2 GOL T . -7.79 13.51 -8.02
C3 GOL T . -5.48 12.98 -7.73
O3 GOL T . -4.41 12.29 -8.28
C FMT U . -18.42 -1.85 -15.27
O1 FMT U . -18.06 -1.82 -14.10
O2 FMT U . -18.43 -0.86 -16.02
C FMT V . 11.60 21.14 4.99
O1 FMT V . 11.36 21.65 3.89
O2 FMT V . 11.84 19.93 5.21
C FMT W . -24.65 -6.98 1.13
O1 FMT W . -23.78 -7.85 0.97
O2 FMT W . -25.45 -6.87 2.09
#